data_6EIB
#
_entry.id   6EIB
#
_cell.length_a   65.905
_cell.length_b   80.267
_cell.length_c   71.696
_cell.angle_alpha   90.00
_cell.angle_beta   97.59
_cell.angle_gamma   90.00
#
_symmetry.space_group_name_H-M   'P 1 21 1'
#
loop_
_entity.id
_entity.type
_entity.pdbx_description
1 polymer 'Sensory box/GGDEF family protein'
2 non-polymer 'SULFATE ION'
3 non-polymer 1,2-ETHANEDIOL
4 non-polymer 'ACETATE ION'
5 water water
#
_entity_poly.entity_id   1
_entity_poly.type   'polypeptide(L)'
_entity_poly.pdbx_seq_one_letter_code
;GPSLTQLCNRRKLWADFRAAFARAKRLRQPLSCISIDIDNFKLINDQFGHDKGDEVLCFLAKLFQSVISDHHFCGRVGGE
EFIIVLENTHVETAFHLAEQIRQRFAEHPFFEQNEHIYLCAGVSSLHHGDHDIADIYRRSDQALYKAKRNGRNRCCIYRQ
STE
;
_entity_poly.pdbx_strand_id   A,B,C,D
#
# COMPACT_ATOMS: atom_id res chain seq x y z
N SER A 3 -17.81 29.45 -3.33
CA SER A 3 -18.57 28.79 -4.37
C SER A 3 -17.75 27.72 -5.11
N LEU A 4 -16.52 27.49 -4.65
CA LEU A 4 -15.67 26.43 -5.18
C LEU A 4 -16.16 25.06 -4.70
N THR A 5 -16.73 25.00 -3.50
CA THR A 5 -17.40 23.79 -3.03
C THR A 5 -18.75 23.60 -3.72
N GLN A 6 -19.18 24.65 -4.42
CA GLN A 6 -20.40 24.56 -5.19
C GLN A 6 -20.05 24.13 -6.62
N LEU A 7 -18.98 24.70 -7.19
CA LEU A 7 -18.60 24.31 -8.54
C LEU A 7 -18.00 22.89 -8.58
N CYS A 8 -17.58 22.37 -7.43
CA CYS A 8 -16.99 21.03 -7.45
C CYS A 8 -17.84 20.03 -6.65
N ASN A 9 -19.14 20.28 -6.63
CA ASN A 9 -20.08 19.42 -5.92
C ASN A 9 -20.04 18.02 -6.53
N ARG A 10 -19.87 17.00 -5.69
CA ARG A 10 -19.75 15.62 -6.19
C ARG A 10 -21.03 15.13 -6.84
N ARG A 11 -22.14 15.35 -6.18
CA ARG A 11 -23.43 14.95 -6.71
C ARG A 11 -23.71 15.53 -8.10
N LYS A 12 -23.47 16.82 -8.28
CA LYS A 12 -23.75 17.49 -9.56
C LYS A 12 -22.81 16.98 -10.64
N LEU A 13 -21.57 16.68 -10.21
CA LEU A 13 -20.57 16.23 -11.15
C LEU A 13 -21.00 14.95 -11.83
N TRP A 14 -21.39 13.95 -11.04
CA TRP A 14 -21.72 12.68 -11.66
C TRP A 14 -22.89 12.82 -12.62
N ALA A 15 -23.89 13.58 -12.22
CA ALA A 15 -25.06 13.82 -13.09
C ALA A 15 -24.67 14.60 -14.34
N ASP A 16 -23.86 15.65 -14.20
CA ASP A 16 -23.42 16.38 -15.38
C ASP A 16 -22.58 15.47 -16.29
N PHE A 17 -21.74 14.65 -15.68
CA PHE A 17 -20.89 13.73 -16.43
C PHE A 17 -21.75 12.72 -17.22
N ARG A 18 -22.77 12.15 -16.58
CA ARG A 18 -23.68 11.23 -17.29
C ARG A 18 -24.44 11.92 -18.44
N ALA A 19 -24.86 13.16 -18.24
CA ALA A 19 -25.59 13.84 -19.32
C ALA A 19 -24.62 14.14 -20.48
N ALA A 20 -23.40 14.51 -20.10
CA ALA A 20 -22.32 14.78 -21.08
C ALA A 20 -21.95 13.55 -21.90
N PHE A 21 -21.92 12.39 -21.27
CA PHE A 21 -21.64 11.13 -21.95
C PHE A 21 -22.65 10.89 -23.06
N ALA A 22 -23.93 11.01 -22.72
CA ALA A 22 -25.00 10.76 -23.70
C ALA A 22 -25.01 11.78 -24.82
N ARG A 23 -24.80 13.03 -24.42
CA ARG A 23 -24.72 14.15 -25.37
C ARG A 23 -23.51 13.90 -26.34
N ALA A 24 -22.39 13.47 -25.77
CA ALA A 24 -21.18 13.20 -26.54
C ALA A 24 -21.36 12.12 -27.59
N LYS A 25 -22.02 11.03 -27.23
CA LYS A 25 -22.32 9.96 -28.20
C LYS A 25 -23.35 10.45 -29.24
N ARG A 26 -24.34 11.20 -28.78
CA ARG A 26 -25.43 11.67 -29.66
C ARG A 26 -24.88 12.65 -30.71
N LEU A 27 -24.11 13.64 -30.26
CA LEU A 27 -23.48 14.61 -31.14
C LEU A 27 -22.15 14.15 -31.77
N ARG A 28 -21.65 12.99 -31.36
CA ARG A 28 -20.35 12.51 -31.80
C ARG A 28 -19.23 13.51 -31.54
N GLN A 29 -19.12 13.97 -30.29
CA GLN A 29 -18.07 14.87 -29.89
C GLN A 29 -17.12 14.13 -28.94
N PRO A 30 -15.84 14.55 -28.93
CA PRO A 30 -14.94 13.91 -27.95
C PRO A 30 -15.28 14.37 -26.54
N LEU A 31 -14.99 13.54 -25.53
CA LEU A 31 -15.33 13.89 -24.16
C LEU A 31 -14.18 13.43 -23.27
N SER A 32 -13.49 14.34 -22.61
CA SER A 32 -12.30 13.95 -21.84
C SER A 32 -12.50 14.01 -20.34
N CYS A 33 -11.68 13.24 -19.62
CA CYS A 33 -11.86 13.10 -18.20
C CYS A 33 -10.50 13.13 -17.54
N ILE A 34 -10.31 14.00 -16.56
CA ILE A 34 -9.03 14.06 -15.80
C ILE A 34 -9.28 13.72 -14.37
N SER A 35 -8.51 12.77 -13.85
CA SER A 35 -8.56 12.41 -12.44
C SER A 35 -7.32 12.93 -11.77
N ILE A 36 -7.49 13.65 -10.66
CA ILE A 36 -6.38 14.30 -9.99
C ILE A 36 -6.36 13.88 -8.56
N ASP A 37 -5.18 13.57 -8.02
CA ASP A 37 -5.07 13.28 -6.60
C ASP A 37 -3.89 14.09 -6.07
N ILE A 38 -4.15 14.81 -4.99
CA ILE A 38 -3.13 15.60 -4.33
C ILE A 38 -2.17 14.69 -3.57
N ASP A 39 -0.87 14.88 -3.79
CA ASP A 39 0.15 14.04 -3.14
C ASP A 39 0.31 14.43 -1.69
N ASN A 40 0.41 13.45 -0.80
CA ASN A 40 0.64 13.69 0.62
C ASN A 40 -0.30 14.68 1.30
N PHE A 41 -1.58 14.62 0.92
CA PHE A 41 -2.56 15.55 1.45
C PHE A 41 -2.79 15.29 2.92
N LYS A 42 -2.74 14.02 3.31
CA LYS A 42 -2.86 13.67 4.72
C LYS A 42 -1.72 14.31 5.52
N LEU A 43 -0.49 14.25 5.02
CA LEU A 43 0.63 14.90 5.73
C LEU A 43 0.39 16.40 5.85
N ILE A 44 -0.16 17.02 4.81
CA ILE A 44 -0.45 18.45 4.88
C ILE A 44 -1.46 18.78 6.00
N ASN A 45 -2.51 17.97 6.12
CA ASN A 45 -3.48 18.22 7.19
C ASN A 45 -2.91 17.92 8.57
N ASP A 46 -2.11 16.85 8.67
CA ASP A 46 -1.48 16.50 9.95
C ASP A 46 -0.57 17.61 10.46
N GLN A 47 0.15 18.25 9.54
CA GLN A 47 1.15 19.24 9.92
C GLN A 47 0.60 20.67 9.99
N PHE A 48 -0.41 20.98 9.20
CA PHE A 48 -0.90 22.34 9.15
C PHE A 48 -2.35 22.48 9.58
N GLY A 49 -3.06 21.37 9.71
CA GLY A 49 -4.43 21.47 10.15
C GLY A 49 -5.43 21.52 9.02
N HIS A 50 -6.67 21.22 9.39
CA HIS A 50 -7.78 21.05 8.46
C HIS A 50 -8.13 22.33 7.68
N ASP A 51 -8.01 23.49 8.32
CA ASP A 51 -8.36 24.73 7.64
C ASP A 51 -7.37 25.03 6.53
N LYS A 52 -6.10 24.71 6.77
CA LYS A 52 -5.07 24.94 5.75
C LYS A 52 -5.14 23.91 4.64
N GLY A 53 -5.44 22.66 5.01
CA GLY A 53 -5.70 21.63 4.01
C GLY A 53 -6.80 22.10 3.09
N ASP A 54 -7.84 22.68 3.67
CA ASP A 54 -8.95 23.23 2.90
C ASP A 54 -8.54 24.38 1.97
N GLU A 55 -7.57 25.19 2.37
CA GLU A 55 -7.09 26.27 1.51
C GLU A 55 -6.44 25.73 0.26
N VAL A 56 -5.72 24.62 0.43
CA VAL A 56 -5.08 23.94 -0.70
C VAL A 56 -6.13 23.46 -1.69
N LEU A 57 -7.17 22.82 -1.17
CA LEU A 57 -8.27 22.34 -2.01
C LEU A 57 -8.89 23.52 -2.75
N CYS A 58 -9.09 24.62 -2.04
CA CYS A 58 -9.69 25.80 -2.63
C CYS A 58 -8.85 26.40 -3.74
N PHE A 59 -7.55 26.53 -3.50
CA PHE A 59 -6.60 27.00 -4.51
C PHE A 59 -6.62 26.10 -5.74
N LEU A 60 -6.70 24.78 -5.52
CA LEU A 60 -6.70 23.84 -6.65
C LEU A 60 -7.94 24.04 -7.51
N ALA A 61 -9.07 24.21 -6.84
CA ALA A 61 -10.32 24.49 -7.54
C ALA A 61 -10.21 25.81 -8.32
N LYS A 62 -9.67 26.85 -7.69
CA LYS A 62 -9.47 28.13 -8.38
C LYS A 62 -8.57 27.92 -9.59
N LEU A 63 -7.55 27.09 -9.40
CA LEU A 63 -6.60 26.78 -10.45
C LEU A 63 -7.24 26.13 -11.68
N PHE A 64 -8.21 25.23 -11.44
CA PHE A 64 -8.90 24.60 -12.56
C PHE A 64 -9.53 25.65 -13.48
N GLN A 65 -10.22 26.59 -12.87
CA GLN A 65 -10.86 27.70 -13.59
C GLN A 65 -9.90 28.54 -14.40
N SER A 66 -8.79 28.91 -13.77
CA SER A 66 -7.78 29.78 -14.38
C SER A 66 -7.13 29.14 -15.59
N VAL A 67 -6.79 27.86 -15.44
CA VAL A 67 -6.11 27.11 -16.49
C VAL A 67 -7.07 26.65 -17.59
N ILE A 68 -8.27 26.21 -17.22
CA ILE A 68 -9.24 25.76 -18.21
C ILE A 68 -10.30 26.85 -18.40
N SER A 69 -10.06 27.71 -19.37
CA SER A 69 -10.99 28.83 -19.56
C SER A 69 -12.31 28.32 -20.13
N ASP A 70 -12.26 27.36 -21.05
CA ASP A 70 -13.50 26.81 -21.60
C ASP A 70 -14.30 25.95 -20.61
N HIS A 71 -15.61 25.91 -20.87
CA HIS A 71 -16.57 25.16 -20.07
C HIS A 71 -16.04 23.78 -19.71
N HIS A 72 -16.37 23.36 -18.50
CA HIS A 72 -15.88 22.11 -17.94
C HIS A 72 -16.68 21.87 -16.68
N PHE A 73 -16.69 20.62 -16.21
CA PHE A 73 -17.35 20.27 -14.97
C PHE A 73 -16.28 19.83 -13.99
N CYS A 74 -16.46 20.11 -12.71
CA CYS A 74 -15.50 19.71 -11.67
C CYS A 74 -16.20 18.99 -10.55
N GLY A 75 -15.52 18.02 -9.93
CA GLY A 75 -16.09 17.38 -8.76
C GLY A 75 -15.00 16.91 -7.82
N ARG A 76 -15.20 17.16 -6.54
CA ARG A 76 -14.33 16.56 -5.56
C ARG A 76 -14.90 15.20 -5.26
N VAL A 77 -14.30 14.13 -5.79
CA VAL A 77 -14.94 12.81 -5.63
C VAL A 77 -14.38 11.98 -4.47
N GLY A 78 -13.34 12.50 -3.84
CA GLY A 78 -12.80 11.86 -2.65
C GLY A 78 -12.15 12.93 -1.78
N GLY A 79 -11.56 12.50 -0.68
CA GLY A 79 -10.90 13.42 0.23
C GLY A 79 -9.96 14.36 -0.48
N GLU A 80 -9.09 13.83 -1.35
CA GLU A 80 -8.15 14.69 -2.08
C GLU A 80 -8.11 14.34 -3.57
N GLU A 81 -9.21 13.77 -4.09
CA GLU A 81 -9.27 13.37 -5.49
C GLU A 81 -10.32 14.21 -6.19
N PHE A 82 -9.97 14.70 -7.36
CA PHE A 82 -10.87 15.49 -8.19
C PHE A 82 -11.04 14.86 -9.51
N ILE A 83 -12.13 15.23 -10.16
CA ILE A 83 -12.33 14.84 -11.52
C ILE A 83 -12.71 16.09 -12.31
N ILE A 84 -12.14 16.23 -13.50
CA ILE A 84 -12.54 17.29 -14.43
C ILE A 84 -13.06 16.65 -15.70
N VAL A 85 -14.24 17.09 -16.11
CA VAL A 85 -14.83 16.57 -17.32
C VAL A 85 -14.89 17.65 -18.36
N LEU A 86 -14.33 17.38 -19.54
CA LEU A 86 -14.23 18.43 -20.57
C LEU A 86 -15.04 18.06 -21.82
N GLU A 87 -16.16 18.73 -22.04
CA GLU A 87 -16.96 18.46 -23.25
C GLU A 87 -16.27 18.93 -24.53
N ASN A 88 -16.54 18.21 -25.62
CA ASN A 88 -16.01 18.56 -26.93
C ASN A 88 -14.50 18.85 -26.86
N THR A 89 -13.79 17.96 -26.16
CA THR A 89 -12.35 18.12 -25.95
C THR A 89 -11.64 16.78 -26.19
N HIS A 90 -10.64 16.82 -27.05
CA HIS A 90 -9.89 15.63 -27.41
C HIS A 90 -8.93 15.27 -26.28
N VAL A 91 -8.53 14.01 -26.17
CA VAL A 91 -7.79 13.58 -24.97
C VAL A 91 -6.43 14.30 -24.84
N GLU A 92 -5.73 14.56 -25.94
CA GLU A 92 -4.44 15.28 -25.89
C GLU A 92 -4.55 16.68 -25.35
N THR A 93 -5.62 17.37 -25.70
CA THR A 93 -5.84 18.71 -25.18
C THR A 93 -6.02 18.60 -23.67
N ALA A 94 -6.81 17.63 -23.24
CA ALA A 94 -7.01 17.41 -21.81
C ALA A 94 -5.70 17.08 -21.10
N PHE A 95 -4.85 16.29 -21.74
CA PHE A 95 -3.57 15.93 -21.16
C PHE A 95 -2.74 17.19 -20.95
N HIS A 96 -2.69 18.03 -21.99
CA HIS A 96 -1.94 19.27 -21.87
C HIS A 96 -2.48 20.14 -20.75
N LEU A 97 -3.80 20.25 -20.63
CA LEU A 97 -4.38 21.00 -19.53
C LEU A 97 -4.00 20.38 -18.19
N ALA A 98 -4.02 19.07 -18.15
CA ALA A 98 -3.70 18.40 -16.90
C ALA A 98 -2.28 18.72 -16.48
N GLU A 99 -1.35 18.72 -17.44
CA GLU A 99 0.05 19.01 -17.14
C GLU A 99 0.26 20.43 -16.63
N GLN A 100 -0.47 21.38 -17.22
CA GLN A 100 -0.42 22.77 -16.79
C GLN A 100 -0.93 22.91 -15.35
N ILE A 101 -2.02 22.22 -15.03
CA ILE A 101 -2.52 22.24 -13.66
C ILE A 101 -1.47 21.65 -12.71
N ARG A 102 -0.87 20.50 -13.08
CA ARG A 102 0.16 19.85 -12.26
C ARG A 102 1.30 20.81 -11.97
N GLN A 103 1.77 21.47 -13.04
CA GLN A 103 2.91 22.38 -12.94
C GLN A 103 2.63 23.62 -12.13
N ARG A 104 1.50 24.25 -12.37
CA ARG A 104 1.19 25.47 -11.62
C ARG A 104 0.90 25.19 -10.16
N PHE A 105 0.36 24.01 -9.87
CA PHE A 105 0.15 23.65 -8.49
C PHE A 105 1.51 23.46 -7.80
N ALA A 106 2.43 22.78 -8.48
CA ALA A 106 3.76 22.49 -7.94
C ALA A 106 4.54 23.79 -7.73
N GLU A 107 4.23 24.78 -8.55
CA GLU A 107 4.94 26.05 -8.52
C GLU A 107 4.38 27.04 -7.49
N HIS A 108 3.18 26.79 -6.98
CA HIS A 108 2.59 27.74 -6.03
C HIS A 108 3.10 27.49 -4.62
N PRO A 109 3.68 28.51 -3.99
CA PRO A 109 4.15 28.38 -2.60
C PRO A 109 2.97 28.50 -1.64
N PHE A 110 2.94 27.64 -0.61
CA PHE A 110 1.80 27.63 0.31
C PHE A 110 2.21 28.03 1.70
N PHE A 111 1.43 28.88 2.36
CA PHE A 111 1.59 29.15 3.78
C PHE A 111 2.89 29.92 4.09
N GLU A 112 2.95 30.48 5.29
CA GLU A 112 4.12 31.21 5.74
C GLU A 112 5.46 30.56 5.37
N GLN A 113 5.52 29.22 5.33
CA GLN A 113 6.82 28.64 5.03
C GLN A 113 7.03 28.25 3.59
N ASN A 114 6.17 28.75 2.68
CA ASN A 114 6.35 28.48 1.25
C ASN A 114 6.48 26.99 0.99
N GLU A 115 5.56 26.22 1.54
CA GLU A 115 5.52 24.79 1.34
C GLU A 115 5.10 24.47 -0.08
N HIS A 116 5.77 23.50 -0.72
CA HIS A 116 5.33 23.12 -2.07
C HIS A 116 4.55 21.80 -2.01
N ILE A 117 3.43 21.80 -2.70
CA ILE A 117 2.53 20.65 -2.72
C ILE A 117 2.36 20.19 -4.18
N TYR A 118 2.19 18.89 -4.40
CA TYR A 118 2.19 18.31 -5.73
C TYR A 118 0.93 17.45 -5.95
N LEU A 119 0.65 17.14 -7.20
CA LEU A 119 -0.50 16.30 -7.51
C LEU A 119 -0.12 15.34 -8.62
N CYS A 120 -0.91 14.28 -8.83
CA CYS A 120 -0.73 13.43 -10.00
C CYS A 120 -2.04 13.48 -10.75
N ALA A 121 -2.01 13.13 -12.04
CA ALA A 121 -3.24 13.18 -12.82
C ALA A 121 -3.24 12.04 -13.79
N GLY A 122 -4.44 11.49 -14.04
CA GLY A 122 -4.58 10.49 -15.08
C GLY A 122 -5.62 11.04 -16.04
N VAL A 123 -5.46 10.76 -17.33
CA VAL A 123 -6.36 11.31 -18.36
C VAL A 123 -6.93 10.26 -19.31
N SER A 124 -8.21 10.34 -19.62
CA SER A 124 -8.71 9.49 -20.67
C SER A 124 -9.85 10.23 -21.32
N SER A 125 -10.54 9.53 -22.20
CA SER A 125 -11.69 10.12 -22.86
C SER A 125 -12.67 9.05 -23.34
N LEU A 126 -13.86 9.48 -23.77
CA LEU A 126 -14.87 8.55 -24.27
C LEU A 126 -14.31 7.70 -25.41
N HIS A 127 -14.49 6.37 -25.33
CA HIS A 127 -14.13 5.45 -26.43
C HIS A 127 -15.43 4.86 -27.02
N HIS A 128 -15.38 4.35 -28.24
CA HIS A 128 -16.61 3.81 -28.86
C HIS A 128 -17.34 2.67 -28.10
N GLY A 129 -16.62 1.75 -27.50
CA GLY A 129 -17.30 0.67 -26.80
C GLY A 129 -17.88 1.04 -25.45
N ASP A 130 -17.70 2.29 -25.02
CA ASP A 130 -18.19 2.73 -23.71
C ASP A 130 -19.71 2.73 -23.56
N HIS A 131 -20.21 2.32 -22.40
CA HIS A 131 -21.65 2.39 -22.17
C HIS A 131 -21.99 3.11 -20.87
N ASP A 132 -20.97 3.48 -20.11
CA ASP A 132 -21.25 4.17 -18.87
C ASP A 132 -20.13 5.14 -18.57
N ILE A 133 -20.37 6.18 -17.77
CA ILE A 133 -19.26 7.06 -17.40
C ILE A 133 -18.22 6.22 -16.65
N ALA A 134 -18.63 5.12 -16.02
CA ALA A 134 -17.68 4.29 -15.27
C ALA A 134 -16.61 3.70 -16.20
N ASP A 135 -16.93 3.49 -17.47
CA ASP A 135 -15.90 3.00 -18.42
C ASP A 135 -14.79 4.03 -18.60
N ILE A 136 -15.15 5.31 -18.59
CA ILE A 136 -14.16 6.40 -18.76
C ILE A 136 -13.37 6.59 -17.45
N TYR A 137 -14.08 6.71 -16.34
CA TYR A 137 -13.45 6.89 -15.04
C TYR A 137 -12.45 5.79 -14.73
N ARG A 138 -12.79 4.55 -15.07
CA ARG A 138 -11.89 3.42 -14.89
C ARG A 138 -10.53 3.67 -15.56
N ARG A 139 -10.57 4.25 -16.77
CA ARG A 139 -9.34 4.50 -17.51
C ARG A 139 -8.57 5.70 -16.95
N SER A 140 -9.25 6.78 -16.58
CA SER A 140 -8.50 7.92 -16.02
C SER A 140 -7.99 7.54 -14.64
N ASP A 141 -8.77 6.77 -13.88
CA ASP A 141 -8.34 6.34 -12.56
C ASP A 141 -7.11 5.45 -12.69
N GLN A 142 -7.09 4.57 -13.69
CA GLN A 142 -5.95 3.67 -13.85
C GLN A 142 -4.68 4.40 -14.29
N ALA A 143 -4.86 5.39 -15.15
CA ALA A 143 -3.78 6.25 -15.59
C ALA A 143 -3.27 7.07 -14.44
N LEU A 144 -4.15 7.49 -13.54
CA LEU A 144 -3.71 8.19 -12.35
C LEU A 144 -2.79 7.32 -11.49
N TYR A 145 -3.23 6.09 -11.23
CA TYR A 145 -2.42 5.20 -10.41
C TYR A 145 -1.16 4.76 -11.14
N LYS A 146 -1.21 4.70 -12.46
CA LYS A 146 -0.01 4.41 -13.23
C LYS A 146 1.00 5.59 -13.03
N ALA A 147 0.48 6.82 -13.10
CA ALA A 147 1.31 8.00 -12.87
C ALA A 147 1.99 7.94 -11.49
N LYS A 148 1.20 7.61 -10.48
CA LYS A 148 1.68 7.52 -9.09
C LYS A 148 2.78 6.49 -8.88
N ARG A 149 2.90 5.50 -9.76
CA ARG A 149 3.94 4.48 -9.60
C ARG A 149 5.35 5.08 -9.69
N ASN A 150 5.46 6.24 -10.34
CA ASN A 150 6.77 6.85 -10.57
C ASN A 150 7.07 8.00 -9.62
N GLY A 151 6.18 8.16 -8.65
CA GLY A 151 6.34 9.15 -7.60
C GLY A 151 5.26 10.21 -7.56
N ARG A 152 5.57 11.32 -6.91
CA ARG A 152 4.60 12.38 -6.78
C ARG A 152 4.82 13.24 -8.00
N ASN A 153 3.92 14.17 -8.27
CA ASN A 153 4.13 15.14 -9.37
C ASN A 153 4.32 14.47 -10.74
N ARG A 154 3.30 13.68 -11.17
CA ARG A 154 3.33 12.90 -12.42
C ARG A 154 1.95 12.90 -13.13
N CYS A 155 2.00 12.87 -14.45
CA CYS A 155 0.78 12.82 -15.26
CA CYS A 155 0.79 12.83 -15.25
C CYS A 155 0.88 11.69 -16.26
N CYS A 156 -0.25 10.99 -16.48
CA CYS A 156 -0.28 9.89 -17.45
CA CYS A 156 -0.28 9.89 -17.42
C CYS A 156 -1.56 9.90 -18.26
N ILE A 157 -1.44 9.60 -19.55
CA ILE A 157 -2.63 9.38 -20.35
C ILE A 157 -2.89 7.87 -20.44
N TYR A 158 -4.14 7.45 -20.32
CA TYR A 158 -4.39 6.00 -20.45
C TYR A 158 -4.15 5.48 -21.84
N ARG A 159 -3.41 4.37 -21.92
CA ARG A 159 -3.26 3.59 -23.13
C ARG A 159 -3.48 2.11 -22.82
N GLN A 160 -3.99 1.38 -23.79
CA GLN A 160 -4.26 -0.05 -23.66
C GLN A 160 -3.00 -0.82 -24.01
N SER A 161 -2.00 -0.10 -24.54
CA SER A 161 -0.71 -0.68 -24.86
C SER A 161 0.04 -1.18 -23.61
N LEU B 4 -1.52 -11.74 30.39
CA LEU B 4 -1.30 -11.71 28.93
C LEU B 4 -0.98 -10.31 28.44
N THR B 5 -1.59 -9.30 29.06
CA THR B 5 -1.23 -7.91 28.80
C THR B 5 0.06 -7.63 29.56
N GLN B 6 0.41 -8.58 30.42
CA GLN B 6 1.64 -8.53 31.15
C GLN B 6 2.74 -9.32 30.44
N LEU B 7 2.43 -10.52 29.94
CA LEU B 7 3.48 -11.30 29.29
C LEU B 7 3.92 -10.77 27.93
N CYS B 8 3.11 -9.94 27.28
CA CYS B 8 3.51 -9.45 25.97
C CYS B 8 3.81 -7.96 26.05
N ASN B 9 4.28 -7.51 27.22
CA ASN B 9 4.60 -6.10 27.40
C ASN B 9 5.70 -5.67 26.45
N ARG B 10 5.41 -4.60 25.70
CA ARG B 10 6.34 -4.12 24.69
C ARG B 10 7.60 -3.64 25.33
N ARG B 11 7.48 -2.85 26.39
CA ARG B 11 8.67 -2.33 27.06
C ARG B 11 9.61 -3.45 27.51
N LYS B 12 9.07 -4.45 28.18
CA LYS B 12 9.90 -5.57 28.65
C LYS B 12 10.48 -6.39 27.52
N LEU B 13 9.72 -6.52 26.45
CA LEU B 13 10.17 -7.33 25.32
C LEU B 13 11.49 -6.81 24.78
N TRP B 14 11.55 -5.52 24.45
CA TRP B 14 12.77 -5.01 23.85
C TRP B 14 13.94 -5.20 24.81
N ALA B 15 13.70 -4.95 26.08
CA ALA B 15 14.77 -5.09 27.08
C ALA B 15 15.21 -6.53 27.17
N ASP B 16 14.26 -7.46 27.21
CA ASP B 16 14.59 -8.88 27.29
C ASP B 16 15.34 -9.31 26.02
N PHE B 17 14.90 -8.80 24.88
CA PHE B 17 15.50 -9.11 23.59
C PHE B 17 16.95 -8.62 23.55
N ARG B 18 17.16 -7.37 23.99
CA ARG B 18 18.53 -6.85 24.05
C ARG B 18 19.45 -7.65 24.99
N ALA B 19 18.93 -8.08 26.13
CA ALA B 19 19.76 -8.87 27.05
C ALA B 19 20.05 -10.26 26.44
N ALA B 20 19.03 -10.85 25.82
CA ALA B 20 19.18 -12.15 25.14
C ALA B 20 20.20 -12.08 23.99
N PHE B 21 20.24 -10.98 23.28
CA PHE B 21 21.20 -10.77 22.20
C PHE B 21 22.65 -10.83 22.71
N ALA B 22 22.94 -10.08 23.75
CA ALA B 22 24.31 -10.05 24.29
C ALA B 22 24.69 -11.42 24.83
N ARG B 23 23.71 -12.03 25.48
CA ARG B 23 23.87 -13.38 26.05
CA ARG B 23 23.78 -13.40 26.01
C ARG B 23 24.12 -14.44 24.95
N ALA B 24 23.36 -14.40 23.86
CA ALA B 24 23.56 -15.34 22.74
C ALA B 24 24.95 -15.25 22.12
N LYS B 25 25.45 -14.03 21.97
CA LYS B 25 26.78 -13.81 21.42
C LYS B 25 27.89 -14.27 22.36
N ARG B 26 27.72 -14.03 23.65
CA ARG B 26 28.72 -14.41 24.65
C ARG B 26 28.79 -15.93 24.78
N LEU B 27 27.62 -16.57 24.89
CA LEU B 27 27.54 -18.01 25.01
C LEU B 27 27.60 -18.73 23.65
N ARG B 28 27.65 -17.96 22.56
CA ARG B 28 27.63 -18.55 21.22
C ARG B 28 26.46 -19.50 21.03
N GLN B 29 25.26 -18.99 21.30
CA GLN B 29 24.03 -19.74 21.10
C GLN B 29 23.20 -19.08 20.00
N PRO B 30 22.34 -19.86 19.33
CA PRO B 30 21.45 -19.28 18.33
C PRO B 30 20.35 -18.49 19.00
N LEU B 31 19.78 -17.52 18.29
CA LEU B 31 18.73 -16.71 18.84
C LEU B 31 17.77 -16.42 17.74
N SER B 32 16.51 -16.84 17.89
CA SER B 32 15.52 -16.66 16.82
C SER B 32 14.46 -15.64 17.11
N CYS B 33 13.88 -15.07 16.06
CA CYS B 33 12.95 -13.99 16.21
C CYS B 33 11.81 -14.17 15.21
N ILE B 34 10.58 -14.14 15.69
CA ILE B 34 9.42 -14.29 14.79
C ILE B 34 8.60 -13.03 14.86
N SER B 35 8.29 -12.45 13.69
CA SER B 35 7.40 -11.31 13.56
C SER B 35 6.07 -11.76 13.01
N ILE B 36 5.01 -11.38 13.70
CA ILE B 36 3.67 -11.85 13.36
C ILE B 36 2.75 -10.69 13.16
N ASP B 37 1.92 -10.73 12.13
CA ASP B 37 0.93 -9.70 12.01
C ASP B 37 -0.40 -10.38 11.69
N ILE B 38 -1.43 -10.02 12.43
CA ILE B 38 -2.76 -10.54 12.18
C ILE B 38 -3.35 -9.88 10.93
N ASP B 39 -3.87 -10.71 10.04
CA ASP B 39 -4.49 -10.27 8.80
C ASP B 39 -5.85 -9.67 9.05
N ASN B 40 -6.14 -8.57 8.34
CA ASN B 40 -7.45 -7.92 8.34
C ASN B 40 -7.92 -7.54 9.73
N PHE B 41 -7.02 -7.13 10.61
CA PHE B 41 -7.41 -6.88 12.00
C PHE B 41 -8.28 -5.63 12.09
N LYS B 42 -8.05 -4.65 11.24
CA LYS B 42 -8.92 -3.48 11.22
C LYS B 42 -10.34 -3.88 10.87
N LEU B 43 -10.48 -4.75 9.87
CA LEU B 43 -11.81 -5.24 9.50
C LEU B 43 -12.45 -5.98 10.65
N ILE B 44 -11.65 -6.74 11.39
CA ILE B 44 -12.18 -7.47 12.54
C ILE B 44 -12.73 -6.46 13.57
N ASN B 45 -11.98 -5.38 13.83
CA ASN B 45 -12.45 -4.36 14.76
C ASN B 45 -13.64 -3.59 14.24
N ASP B 46 -13.63 -3.27 12.96
CA ASP B 46 -14.74 -2.54 12.36
C ASP B 46 -16.05 -3.34 12.46
N GLN B 47 -15.94 -4.64 12.30
CA GLN B 47 -17.14 -5.48 12.21
C GLN B 47 -17.60 -6.07 13.55
N PHE B 48 -16.69 -6.28 14.49
CA PHE B 48 -17.08 -6.91 15.74
C PHE B 48 -16.83 -6.00 16.94
N GLY B 49 -16.09 -4.92 16.74
CA GLY B 49 -15.85 -4.02 17.83
C GLY B 49 -14.54 -4.30 18.54
N HIS B 50 -14.05 -3.27 19.22
CA HIS B 50 -12.73 -3.27 19.83
C HIS B 50 -12.63 -4.36 20.91
N ASP B 51 -13.74 -4.65 21.59
CA ASP B 51 -13.67 -5.63 22.66
C ASP B 51 -13.43 -7.01 22.06
N LYS B 52 -14.03 -7.27 20.90
CA LYS B 52 -13.84 -8.55 20.24
C LYS B 52 -12.47 -8.63 19.56
N GLY B 53 -12.01 -7.53 18.98
CA GLY B 53 -10.64 -7.46 18.50
C GLY B 53 -9.67 -7.81 19.62
N ASP B 54 -9.92 -7.26 20.81
CA ASP B 54 -9.09 -7.55 21.98
C ASP B 54 -9.10 -9.03 22.36
N GLU B 55 -10.25 -9.68 22.13
CA GLU B 55 -10.37 -11.12 22.41
C GLU B 55 -9.45 -11.89 21.48
N VAL B 56 -9.40 -11.46 20.23
CA VAL B 56 -8.51 -12.09 19.24
C VAL B 56 -7.05 -11.99 19.65
N LEU B 57 -6.63 -10.80 20.06
CA LEU B 57 -5.26 -10.60 20.49
C LEU B 57 -4.94 -11.48 21.68
N CYS B 58 -5.86 -11.53 22.63
CA CYS B 58 -5.69 -12.32 23.83
C CYS B 58 -5.61 -13.80 23.53
N PHE B 59 -6.48 -14.26 22.63
CA PHE B 59 -6.40 -15.65 22.19
C PHE B 59 -5.03 -15.93 21.56
N LEU B 60 -4.53 -15.00 20.74
CA LEU B 60 -3.26 -15.25 20.06
C LEU B 60 -2.12 -15.35 21.07
N ALA B 61 -2.12 -14.48 22.08
CA ALA B 61 -1.09 -14.54 23.12
C ALA B 61 -1.12 -15.90 23.87
N LYS B 62 -2.34 -16.36 24.21
CA LYS B 62 -2.54 -17.67 24.84
C LYS B 62 -1.97 -18.78 23.96
N LEU B 63 -2.18 -18.62 22.65
CA LEU B 63 -1.69 -19.59 21.68
C LEU B 63 -0.16 -19.68 21.66
N PHE B 64 0.52 -18.55 21.83
CA PHE B 64 1.97 -18.55 21.84
C PHE B 64 2.44 -19.51 22.94
N GLN B 65 1.88 -19.35 24.13
CA GLN B 65 2.19 -20.21 25.27
C GLN B 65 1.90 -21.67 25.01
N SER B 66 0.73 -21.94 24.43
CA SER B 66 0.31 -23.33 24.14
C SER B 66 1.24 -24.01 23.14
N VAL B 67 1.59 -23.33 22.05
CA VAL B 67 2.44 -23.92 21.02
C VAL B 67 3.91 -23.97 21.42
N ILE B 68 4.42 -22.88 22.02
CA ILE B 68 5.83 -22.86 22.42
C ILE B 68 5.94 -23.13 23.91
N SER B 69 6.10 -24.39 24.26
CA SER B 69 6.09 -24.76 25.66
C SER B 69 7.37 -24.24 26.32
N ASP B 70 8.46 -24.31 25.57
CA ASP B 70 9.75 -23.87 26.05
C ASP B 70 9.80 -22.35 26.30
N HIS B 71 10.64 -21.93 27.24
CA HIS B 71 10.82 -20.51 27.58
C HIS B 71 10.98 -19.61 26.35
N HIS B 72 10.41 -18.41 26.41
CA HIS B 72 10.39 -17.50 25.27
C HIS B 72 9.90 -16.13 25.69
N PHE B 73 10.18 -15.09 24.90
CA PHE B 73 9.69 -13.76 25.19
C PHE B 73 8.68 -13.35 24.16
N CYS B 74 7.65 -12.62 24.58
CA CYS B 74 6.61 -12.12 23.67
C CYS B 74 6.42 -10.61 23.78
N GLY B 75 6.07 -9.95 22.67
CA GLY B 75 5.72 -8.55 22.77
C GLY B 75 4.74 -8.15 21.70
N ARG B 76 3.72 -7.40 22.09
CA ARG B 76 2.89 -6.75 21.08
C ARG B 76 3.59 -5.45 20.72
N VAL B 77 4.21 -5.39 19.55
CA VAL B 77 4.98 -4.17 19.22
C VAL B 77 4.20 -3.17 18.37
N GLY B 78 3.00 -3.55 17.94
CA GLY B 78 2.14 -2.65 17.18
C GLY B 78 0.69 -2.99 17.46
N GLY B 79 -0.23 -2.31 16.78
CA GLY B 79 -1.65 -2.57 16.93
C GLY B 79 -1.96 -4.04 16.79
N GLU B 80 -1.44 -4.68 15.74
CA GLU B 80 -1.73 -6.09 15.55
C GLU B 80 -0.45 -6.89 15.25
N GLU B 81 0.69 -6.34 15.67
CA GLU B 81 1.95 -6.99 15.39
C GLU B 81 2.57 -7.45 16.69
N PHE B 82 3.04 -8.69 16.66
CA PHE B 82 3.70 -9.34 17.78
C PHE B 82 5.09 -9.73 17.40
N ILE B 83 5.94 -9.93 18.40
CA ILE B 83 7.23 -10.51 18.13
C ILE B 83 7.44 -11.61 19.17
N ILE B 84 8.04 -12.73 18.78
CA ILE B 84 8.43 -13.76 19.74
C ILE B 84 9.93 -13.97 19.65
N VAL B 85 10.59 -14.01 20.80
CA VAL B 85 12.02 -14.22 20.82
C VAL B 85 12.35 -15.56 21.44
N LEU B 86 13.14 -16.35 20.73
CA LEU B 86 13.45 -17.70 21.21
C LEU B 86 14.93 -17.87 21.48
N GLU B 87 15.29 -17.85 22.76
CA GLU B 87 16.68 -18.10 23.10
C GLU B 87 17.10 -19.53 22.79
N ASN B 88 18.37 -19.68 22.46
CA ASN B 88 18.98 -20.98 22.22
C ASN B 88 18.13 -21.82 21.26
N THR B 89 17.68 -21.17 20.19
CA THR B 89 16.79 -21.81 19.23
C THR B 89 17.21 -21.49 17.81
N HIS B 90 17.41 -22.52 17.00
CA HIS B 90 17.81 -22.30 15.60
C HIS B 90 16.62 -21.83 14.76
N VAL B 91 16.91 -21.16 13.66
CA VAL B 91 15.87 -20.52 12.88
C VAL B 91 14.86 -21.55 12.32
N GLU B 92 15.32 -22.75 11.97
CA GLU B 92 14.41 -23.77 11.41
C GLU B 92 13.33 -24.19 12.41
N THR B 93 13.73 -24.34 13.68
CA THR B 93 12.81 -24.66 14.76
C THR B 93 11.80 -23.54 14.97
N ALA B 94 12.29 -22.30 14.91
CA ALA B 94 11.43 -21.15 15.06
C ALA B 94 10.42 -21.06 13.92
N PHE B 95 10.86 -21.40 12.72
CA PHE B 95 9.97 -21.39 11.56
C PHE B 95 8.85 -22.42 11.73
N HIS B 96 9.22 -23.63 12.14
CA HIS B 96 8.23 -24.67 12.41
CA HIS B 96 8.22 -24.67 12.42
C HIS B 96 7.22 -24.21 13.46
N LEU B 97 7.69 -23.57 14.53
CA LEU B 97 6.79 -23.05 15.56
C LEU B 97 5.90 -21.97 14.97
N ALA B 98 6.49 -21.10 14.14
CA ALA B 98 5.68 -20.04 13.56
C ALA B 98 4.58 -20.68 12.68
N GLU B 99 4.90 -21.71 11.89
CA GLU B 99 3.88 -22.38 11.07
C GLU B 99 2.79 -22.99 11.92
N GLN B 100 3.17 -23.59 13.04
CA GLN B 100 2.18 -24.17 13.94
C GLN B 100 1.24 -23.09 14.51
N ILE B 101 1.81 -21.96 14.91
CA ILE B 101 1.01 -20.86 15.40
C ILE B 101 0.05 -20.32 14.28
N ARG B 102 0.59 -20.14 13.07
CA ARG B 102 -0.21 -19.71 11.93
C ARG B 102 -1.37 -20.66 11.67
N GLN B 103 -1.06 -21.95 11.67
CA GLN B 103 -2.05 -22.98 11.39
C GLN B 103 -3.13 -23.08 12.47
N ARG B 104 -2.72 -23.09 13.73
CA ARG B 104 -3.70 -23.21 14.80
C ARG B 104 -4.55 -21.97 14.95
N PHE B 105 -3.99 -20.79 14.64
CA PHE B 105 -4.77 -19.57 14.66
C PHE B 105 -5.84 -19.63 13.59
N ALA B 106 -5.47 -20.09 12.40
CA ALA B 106 -6.40 -20.20 11.27
C ALA B 106 -7.51 -21.19 11.56
N GLU B 107 -7.21 -22.18 12.38
CA GLU B 107 -8.16 -23.26 12.64
C GLU B 107 -9.19 -22.91 13.69
N HIS B 108 -8.89 -21.87 14.47
CA HIS B 108 -9.75 -21.51 15.60
C HIS B 108 -10.91 -20.62 15.20
N PRO B 109 -12.14 -21.10 15.44
CA PRO B 109 -13.32 -20.27 15.13
C PRO B 109 -13.57 -19.19 16.19
N PHE B 110 -13.92 -18.00 15.72
CA PHE B 110 -14.11 -16.85 16.59
C PHE B 110 -15.55 -16.37 16.57
N PHE B 111 -16.12 -16.06 17.72
CA PHE B 111 -17.42 -15.41 17.78
C PHE B 111 -18.56 -16.31 17.33
N GLU B 112 -19.79 -15.87 17.63
CA GLU B 112 -20.99 -16.61 17.25
C GLU B 112 -21.00 -17.11 15.80
N GLN B 113 -20.40 -16.37 14.87
CA GLN B 113 -20.50 -16.83 13.50
C GLN B 113 -19.30 -17.66 13.03
N ASN B 114 -18.47 -18.14 13.96
CA ASN B 114 -17.37 -19.02 13.58
C ASN B 114 -16.52 -18.38 12.52
N GLU B 115 -16.16 -17.14 12.76
CA GLU B 115 -15.30 -16.38 11.89
C GLU B 115 -13.87 -16.91 11.90
N HIS B 116 -13.26 -17.04 10.73
CA HIS B 116 -11.86 -17.43 10.74
C HIS B 116 -10.94 -16.23 10.46
N ILE B 117 -9.90 -16.13 11.28
CA ILE B 117 -8.95 -15.04 11.24
C ILE B 117 -7.57 -15.62 10.97
N TYR B 118 -6.72 -14.89 10.24
CA TYR B 118 -5.45 -15.47 9.82
C TYR B 118 -4.29 -14.55 10.20
N LEU B 119 -3.08 -15.07 10.13
CA LEU B 119 -1.92 -14.22 10.40
C LEU B 119 -0.82 -14.57 9.41
N CYS B 120 0.17 -13.68 9.28
CA CYS B 120 1.39 -14.00 8.54
C CYS B 120 2.53 -13.87 9.53
N ALA B 121 3.67 -14.48 9.20
CA ALA B 121 4.82 -14.47 10.09
C ALA B 121 6.09 -14.37 9.27
N GLY B 122 7.10 -13.66 9.79
CA GLY B 122 8.41 -13.69 9.17
C GLY B 122 9.40 -14.16 10.24
N VAL B 123 10.44 -14.88 9.85
CA VAL B 123 11.35 -15.47 10.84
C VAL B 123 12.81 -15.19 10.49
N SER B 124 13.63 -14.86 11.49
CA SER B 124 15.05 -14.76 11.23
C SER B 124 15.80 -15.11 12.50
N SER B 125 17.10 -14.91 12.47
CA SER B 125 17.85 -15.26 13.66
C SER B 125 19.12 -14.48 13.71
N LEU B 126 19.81 -14.58 14.87
CA LEU B 126 21.08 -13.93 15.08
C LEU B 126 22.08 -14.39 14.03
N HIS B 127 22.75 -13.44 13.39
CA HIS B 127 23.83 -13.72 12.47
C HIS B 127 25.16 -13.21 13.00
N HIS B 128 26.24 -13.84 12.55
CA HIS B 128 27.57 -13.35 12.82
C HIS B 128 27.60 -11.95 12.14
N GLY B 129 28.10 -10.95 12.85
CA GLY B 129 28.12 -9.60 12.29
C GLY B 129 26.98 -8.71 12.71
N ASP B 130 25.93 -9.28 13.34
CA ASP B 130 24.88 -8.45 13.94
C ASP B 130 25.46 -7.69 15.15
N HIS B 131 25.01 -6.46 15.35
CA HIS B 131 25.47 -5.68 16.50
C HIS B 131 24.31 -5.12 17.32
N ASP B 132 23.10 -5.29 16.84
CA ASP B 132 21.95 -4.78 17.58
C ASP B 132 20.74 -5.69 17.37
N ILE B 133 19.76 -5.66 18.28
CA ILE B 133 18.56 -6.44 18.01
C ILE B 133 17.90 -5.92 16.73
N ALA B 134 18.15 -4.67 16.36
CA ALA B 134 17.55 -4.12 15.14
C ALA B 134 18.03 -4.85 13.90
N ASP B 135 19.23 -5.41 13.94
CA ASP B 135 19.74 -6.19 12.81
C ASP B 135 18.85 -7.43 12.54
N ILE B 136 18.38 -8.05 13.61
CA ILE B 136 17.50 -9.25 13.54
C ILE B 136 16.05 -8.88 13.22
N TYR B 137 15.51 -7.90 13.95
CA TYR B 137 14.15 -7.45 13.72
C TYR B 137 13.97 -7.02 12.27
N ARG B 138 14.96 -6.35 11.72
CA ARG B 138 14.88 -5.91 10.33
C ARG B 138 14.62 -7.09 9.40
N ARG B 139 15.29 -8.20 9.67
CA ARG B 139 15.15 -9.39 8.84
C ARG B 139 13.85 -10.14 9.08
N SER B 140 13.40 -10.31 10.34
CA SER B 140 12.13 -10.99 10.53
C SER B 140 11.00 -10.07 9.99
N ASP B 141 11.15 -8.77 10.18
CA ASP B 141 10.17 -7.82 9.66
C ASP B 141 10.13 -7.87 8.13
N GLN B 142 11.31 -7.95 7.51
CA GLN B 142 11.31 -8.01 6.06
C GLN B 142 10.69 -9.32 5.58
N ALA B 143 10.92 -10.42 6.31
CA ALA B 143 10.32 -11.71 5.94
C ALA B 143 8.81 -11.69 6.13
N LEU B 144 8.34 -10.99 7.16
CA LEU B 144 6.91 -10.86 7.39
C LEU B 144 6.23 -10.18 6.19
N TYR B 145 6.84 -9.09 5.73
CA TYR B 145 6.27 -8.38 4.59
C TYR B 145 6.42 -9.19 3.33
N LYS B 146 7.47 -10.01 3.24
CA LYS B 146 7.58 -10.88 2.10
C LYS B 146 6.46 -11.93 2.11
N ALA B 147 6.19 -12.50 3.28
CA ALA B 147 5.10 -13.47 3.43
C ALA B 147 3.79 -12.88 2.92
N LYS B 148 3.51 -11.65 3.34
CA LYS B 148 2.28 -10.97 2.97
C LYS B 148 2.08 -10.80 1.48
N ARG B 149 3.16 -10.83 0.70
CA ARG B 149 3.01 -10.66 -0.74
C ARG B 149 2.24 -11.79 -1.42
N ASN B 150 2.17 -12.95 -0.77
CA ASN B 150 1.41 -14.06 -1.36
C ASN B 150 0.00 -14.19 -0.76
N GLY B 151 -0.38 -13.22 0.05
CA GLY B 151 -1.72 -13.17 0.62
C GLY B 151 -1.73 -13.29 2.14
N ARG B 152 -2.89 -13.62 2.68
CA ARG B 152 -3.00 -13.75 4.12
C ARG B 152 -2.59 -15.19 4.41
N ASN B 153 -2.37 -15.50 5.69
CA ASN B 153 -2.08 -16.87 6.12
C ASN B 153 -0.78 -17.43 5.46
N ARG B 154 0.35 -16.74 5.64
CA ARG B 154 1.61 -17.14 4.99
C ARG B 154 2.77 -16.95 5.96
N CYS B 155 3.79 -17.81 5.86
CA CYS B 155 5.00 -17.70 6.69
CA CYS B 155 4.99 -17.71 6.69
C CYS B 155 6.26 -17.72 5.84
N CYS B 156 7.23 -16.85 6.15
CA CYS B 156 8.52 -16.84 5.43
C CYS B 156 9.74 -16.76 6.33
N ILE B 157 10.80 -17.46 5.95
CA ILE B 157 12.12 -17.27 6.57
CA ILE B 157 12.09 -17.26 6.58
C ILE B 157 12.87 -16.21 5.78
N TYR B 158 13.60 -15.34 6.47
CA TYR B 158 14.49 -14.43 5.76
C TYR B 158 15.61 -15.18 5.03
N ARG B 159 15.80 -14.85 3.76
CA ARG B 159 16.93 -15.35 2.98
C ARG B 159 17.55 -14.17 2.23
N GLN B 160 18.86 -14.19 2.01
CA GLN B 160 19.44 -13.16 1.16
C GLN B 160 20.10 -13.90 -0.01
N SER B 161 19.89 -13.43 -1.23
CA SER B 161 20.60 -14.05 -2.36
C SER B 161 22.11 -13.84 -2.14
N THR B 162 22.93 -14.67 -2.75
CA THR B 162 24.35 -14.60 -2.44
C THR B 162 24.94 -13.35 -3.08
N GLU B 163 24.48 -13.02 -4.28
CA GLU B 163 24.91 -11.80 -4.98
C GLU B 163 23.74 -11.08 -5.63
N THR C 5 32.37 5.44 3.84
CA THR C 5 32.25 4.02 4.14
C THR C 5 32.69 3.71 5.55
N GLN C 6 33.32 4.68 6.21
CA GLN C 6 33.63 4.57 7.62
C GLN C 6 32.47 5.27 8.32
N LEU C 7 32.09 6.41 7.74
CA LEU C 7 30.96 7.21 8.18
C LEU C 7 29.63 6.46 8.23
N CYS C 8 29.52 5.41 7.44
CA CYS C 8 28.25 4.70 7.44
C CYS C 8 28.40 3.32 8.02
N ASN C 9 29.37 3.20 8.95
CA ASN C 9 29.61 1.95 9.65
C ASN C 9 28.41 1.57 10.46
N ARG C 10 27.96 0.32 10.29
CA ARG C 10 26.74 -0.18 10.91
C ARG C 10 26.83 -0.29 12.45
N ARG C 11 27.89 -0.90 12.99
CA ARG C 11 27.99 -1.04 14.44
C ARG C 11 27.83 0.30 15.11
N LYS C 12 28.58 1.27 14.59
CA LYS C 12 28.62 2.61 15.16
C LYS C 12 27.28 3.31 15.02
N LEU C 13 26.59 3.06 13.91
CA LEU C 13 25.27 3.65 13.74
C LEU C 13 24.41 3.19 14.89
N TRP C 14 24.34 1.89 15.15
CA TRP C 14 23.42 1.43 16.21
C TRP C 14 23.83 2.02 17.56
N ALA C 15 25.13 2.06 17.83
CA ALA C 15 25.56 2.61 19.10
C ALA C 15 25.19 4.09 19.21
N ASP C 16 25.39 4.83 18.12
CA ASP C 16 25.02 6.24 18.11
C ASP C 16 23.50 6.43 18.26
N PHE C 17 22.72 5.59 17.58
CA PHE C 17 21.26 5.66 17.64
C PHE C 17 20.84 5.39 19.11
N ARG C 18 21.41 4.36 19.74
CA ARG C 18 21.04 4.03 21.11
C ARG C 18 21.30 5.18 22.06
N ALA C 19 22.46 5.82 21.93
CA ALA C 19 22.75 6.95 22.78
C ALA C 19 21.87 8.14 22.41
N ALA C 20 21.65 8.34 21.13
CA ALA C 20 20.84 9.49 20.70
C ALA C 20 19.42 9.43 21.24
N PHE C 21 18.89 8.20 21.32
CA PHE C 21 17.56 7.93 21.84
C PHE C 21 17.44 8.34 23.29
N ALA C 22 18.38 7.92 24.14
CA ALA C 22 18.31 8.28 25.55
C ALA C 22 18.49 9.80 25.71
N ARG C 23 19.44 10.34 24.95
CA ARG C 23 19.71 11.78 24.95
C ARG C 23 18.46 12.57 24.56
N ALA C 24 17.78 12.14 23.49
CA ALA C 24 16.58 12.86 23.07
C ALA C 24 15.51 12.85 24.15
N LYS C 25 15.33 11.72 24.81
CA LYS C 25 14.34 11.65 25.88
C LYS C 25 14.73 12.55 27.03
N ARG C 26 16.03 12.55 27.32
CA ARG C 26 16.58 13.35 28.42
C ARG C 26 16.48 14.85 28.13
N LEU C 27 16.90 15.26 26.93
CA LEU C 27 16.85 16.68 26.58
C LEU C 27 15.48 17.08 26.06
N ARG C 28 14.59 16.10 25.98
CA ARG C 28 13.24 16.29 25.45
C ARG C 28 13.29 16.94 24.07
N GLN C 29 14.08 16.35 23.18
CA GLN C 29 14.20 16.82 21.81
C GLN C 29 13.59 15.81 20.86
N PRO C 30 13.19 16.28 19.69
CA PRO C 30 12.75 15.30 18.70
C PRO C 30 13.96 14.54 18.14
N LEU C 31 13.72 13.36 17.59
CA LEU C 31 14.78 12.54 17.01
C LEU C 31 14.18 11.86 15.80
N SER C 32 14.73 12.09 14.62
CA SER C 32 14.12 11.49 13.44
C SER C 32 14.99 10.40 12.85
N CYS C 33 14.34 9.50 12.13
CA CYS C 33 14.99 8.32 11.57
C CYS C 33 14.55 8.15 10.12
N ILE C 34 15.50 8.03 9.18
CA ILE C 34 15.12 7.79 7.76
C ILE C 34 15.72 6.48 7.28
N SER C 35 14.86 5.64 6.71
CA SER C 35 15.28 4.39 6.11
C SER C 35 15.27 4.61 4.61
N ILE C 36 16.40 4.34 3.97
CA ILE C 36 16.54 4.61 2.54
C ILE C 36 16.92 3.36 1.80
N ASP C 37 16.21 3.05 0.72
CA ASP C 37 16.53 1.85 -0.01
C ASP C 37 16.52 2.13 -1.49
N ILE C 38 17.56 1.71 -2.20
CA ILE C 38 17.60 1.90 -3.66
C ILE C 38 16.64 0.98 -4.39
N ASP C 39 15.87 1.51 -5.35
CA ASP C 39 14.88 0.70 -6.06
C ASP C 39 15.56 -0.20 -7.09
N ASN C 40 15.15 -1.47 -7.15
CA ASN C 40 15.68 -2.42 -8.12
C ASN C 40 17.20 -2.56 -8.14
N PHE C 41 17.80 -2.52 -6.96
CA PHE C 41 19.26 -2.53 -6.89
C PHE C 41 19.82 -3.88 -7.39
N LYS C 42 19.08 -4.97 -7.18
CA LYS C 42 19.49 -6.27 -7.72
C LYS C 42 19.66 -6.25 -9.23
N LEU C 43 18.70 -5.64 -9.93
CA LEU C 43 18.77 -5.54 -11.38
C LEU C 43 19.99 -4.72 -11.79
N ILE C 44 20.28 -3.69 -11.01
CA ILE C 44 21.44 -2.87 -11.30
C ILE C 44 22.72 -3.71 -11.23
N ASN C 45 22.88 -4.51 -10.17
CA ASN C 45 24.08 -5.33 -10.05
C ASN C 45 24.09 -6.47 -11.08
N ASP C 46 22.92 -7.03 -11.37
CA ASP C 46 22.86 -8.07 -12.38
C ASP C 46 23.32 -7.54 -13.73
N GLN C 47 22.95 -6.29 -14.01
CA GLN C 47 23.23 -5.77 -15.34
C GLN C 47 24.52 -4.97 -15.47
N PHE C 48 24.99 -4.34 -14.40
CA PHE C 48 26.20 -3.50 -14.49
C PHE C 48 27.36 -4.06 -13.66
N GLY C 49 27.08 -5.09 -12.87
CA GLY C 49 28.12 -5.73 -12.08
C GLY C 49 28.20 -5.09 -10.72
N HIS C 50 28.72 -5.81 -9.73
CA HIS C 50 28.78 -5.28 -8.38
C HIS C 50 29.73 -4.09 -8.21
N ASP C 51 30.78 -4.00 -9.01
CA ASP C 51 31.72 -2.88 -8.85
C ASP C 51 30.99 -1.60 -9.24
N LYS C 52 30.09 -1.67 -10.20
CA LYS C 52 29.31 -0.48 -10.54
C LYS C 52 28.24 -0.24 -9.48
N GLY C 53 27.64 -1.31 -8.96
CA GLY C 53 26.72 -1.19 -7.85
C GLY C 53 27.32 -0.47 -6.64
N ASP C 54 28.54 -0.84 -6.32
CA ASP C 54 29.25 -0.20 -5.22
C ASP C 54 29.45 1.30 -5.50
N GLU C 55 29.66 1.68 -6.76
CA GLU C 55 29.79 3.09 -7.11
C GLU C 55 28.49 3.84 -6.76
N VAL C 56 27.33 3.21 -7.01
CA VAL C 56 26.03 3.78 -6.69
C VAL C 56 25.83 4.00 -5.19
N LEU C 57 26.17 2.99 -4.39
CA LEU C 57 26.11 3.10 -2.92
C LEU C 57 27.03 4.22 -2.40
N CYS C 58 28.21 4.33 -2.99
CA CYS C 58 29.14 5.38 -2.59
C CYS C 58 28.63 6.76 -2.96
N PHE C 59 28.07 6.91 -4.15
CA PHE C 59 27.47 8.19 -4.52
C PHE C 59 26.35 8.55 -3.57
N LEU C 60 25.52 7.58 -3.22
CA LEU C 60 24.41 7.86 -2.34
C LEU C 60 24.90 8.29 -0.95
N ALA C 61 25.91 7.61 -0.43
CA ALA C 61 26.45 8.02 0.85
C ALA C 61 27.01 9.45 0.74
N LYS C 62 27.75 9.74 -0.32
CA LYS C 62 28.26 11.11 -0.51
C LYS C 62 27.14 12.14 -0.53
N LEU C 63 26.02 11.75 -1.14
CA LEU C 63 24.86 12.62 -1.27
C LEU C 63 24.27 12.97 0.12
N PHE C 64 24.33 12.04 1.07
CA PHE C 64 23.88 12.30 2.45
C PHE C 64 24.63 13.47 3.06
N GLN C 65 25.95 13.43 2.90
CA GLN C 65 26.83 14.49 3.35
C GLN C 65 26.48 15.85 2.73
N SER C 66 26.31 15.86 1.42
CA SER C 66 26.00 17.07 0.66
C SER C 66 24.63 17.64 0.99
N VAL C 67 23.62 16.78 1.07
CA VAL C 67 22.27 17.26 1.35
C VAL C 67 22.08 17.62 2.82
N ILE C 68 22.62 16.78 3.71
CA ILE C 68 22.50 17.00 5.16
C ILE C 68 23.76 17.62 5.80
N SER C 69 23.74 18.95 5.91
CA SER C 69 24.86 19.71 6.48
C SER C 69 24.92 19.58 8.00
N ASP C 70 23.74 19.54 8.63
CA ASP C 70 23.65 19.46 10.08
C ASP C 70 24.17 18.09 10.52
N HIS C 71 24.73 18.01 11.73
CA HIS C 71 25.24 16.74 12.27
C HIS C 71 24.20 15.63 12.09
N HIS C 72 24.66 14.41 11.85
CA HIS C 72 23.76 13.31 11.56
C HIS C 72 24.52 12.01 11.63
N PHE C 73 23.81 10.90 11.86
CA PHE C 73 24.48 9.61 11.86
C PHE C 73 23.99 8.82 10.65
N CYS C 74 24.89 8.07 10.04
CA CYS C 74 24.56 7.22 8.92
C CYS C 74 25.04 5.80 9.16
N GLY C 75 24.27 4.83 8.68
CA GLY C 75 24.67 3.45 8.74
C GLY C 75 24.09 2.70 7.58
N ARG C 76 24.90 1.88 6.95
CA ARG C 76 24.38 0.96 5.96
C ARG C 76 23.87 -0.30 6.68
N VAL C 77 22.56 -0.45 6.78
CA VAL C 77 22.02 -1.56 7.55
C VAL C 77 21.62 -2.76 6.71
N GLY C 78 21.70 -2.61 5.39
CA GLY C 78 21.40 -3.70 4.49
C GLY C 78 22.19 -3.63 3.20
N GLY C 79 21.92 -4.56 2.29
CA GLY C 79 22.58 -4.60 0.99
C GLY C 79 22.50 -3.25 0.30
N GLU C 80 21.31 -2.68 0.26
CA GLU C 80 21.10 -1.38 -0.39
C GLU C 80 20.28 -0.45 0.50
N GLU C 81 20.34 -0.70 1.81
CA GLU C 81 19.54 0.09 2.73
C GLU C 81 20.41 0.90 3.66
N PHE C 82 20.08 2.17 3.82
CA PHE C 82 20.79 3.03 4.75
C PHE C 82 19.81 3.54 5.77
N ILE C 83 20.34 3.90 6.92
CA ILE C 83 19.56 4.57 7.93
C ILE C 83 20.21 5.91 8.18
N ILE C 84 19.40 6.96 8.31
CA ILE C 84 19.92 8.25 8.74
C ILE C 84 19.24 8.64 10.01
N VAL C 85 20.03 8.99 11.03
CA VAL C 85 19.49 9.44 12.30
C VAL C 85 19.76 10.91 12.50
N LEU C 86 18.71 11.67 12.79
CA LEU C 86 18.83 13.13 12.90
C LEU C 86 18.42 13.61 14.28
N GLU C 87 19.40 13.94 15.12
CA GLU C 87 19.14 14.47 16.46
C GLU C 87 18.45 15.84 16.36
N ASN C 88 17.64 16.20 17.36
CA ASN C 88 16.93 17.47 17.47
C ASN C 88 16.26 17.85 16.16
N THR C 89 15.60 16.88 15.54
CA THR C 89 15.00 17.11 14.21
C THR C 89 13.59 16.53 14.20
N HIS C 90 12.62 17.38 13.82
CA HIS C 90 11.21 16.96 13.73
C HIS C 90 10.99 16.17 12.49
N VAL C 91 9.95 15.31 12.47
CA VAL C 91 9.80 14.39 11.38
C VAL C 91 9.56 15.09 10.02
N GLU C 92 8.84 16.21 10.03
CA GLU C 92 8.58 16.91 8.76
C GLU C 92 9.89 17.39 8.15
N THR C 93 10.82 17.82 9.01
CA THR C 93 12.12 18.26 8.52
C THR C 93 12.89 17.07 7.92
N ALA C 94 12.82 15.92 8.58
CA ALA C 94 13.50 14.73 8.05
C ALA C 94 12.91 14.32 6.70
N PHE C 95 11.59 14.39 6.61
CA PHE C 95 10.90 14.08 5.37
C PHE C 95 11.40 14.98 4.23
N HIS C 96 11.47 16.26 4.48
CA HIS C 96 11.97 17.15 3.43
C HIS C 96 13.40 16.84 3.02
N LEU C 97 14.27 16.53 3.99
CA LEU C 97 15.61 16.09 3.65
C LEU C 97 15.58 14.82 2.80
N ALA C 98 14.73 13.86 3.17
CA ALA C 98 14.63 12.62 2.41
C ALA C 98 14.18 12.90 0.96
N GLU C 99 13.25 13.84 0.79
CA GLU C 99 12.77 14.20 -0.57
C GLU C 99 13.90 14.81 -1.39
N GLN C 100 14.74 15.62 -0.76
CA GLN C 100 15.87 16.22 -1.48
C GLN C 100 16.87 15.13 -1.90
N ILE C 101 17.17 14.19 -1.00
CA ILE C 101 18.07 13.09 -1.34
C ILE C 101 17.49 12.25 -2.47
N ARG C 102 16.23 11.91 -2.36
CA ARG C 102 15.55 11.16 -3.38
C ARG C 102 15.64 11.87 -4.73
N GLN C 103 15.36 13.16 -4.72
CA GLN C 103 15.35 13.89 -5.99
C GLN C 103 16.74 13.98 -6.61
N ARG C 104 17.74 14.32 -5.80
CA ARG C 104 19.08 14.46 -6.34
C ARG C 104 19.65 13.11 -6.80
N PHE C 105 19.25 12.03 -6.14
CA PHE C 105 19.67 10.71 -6.57
C PHE C 105 19.03 10.39 -7.93
N ALA C 106 17.73 10.66 -8.05
CA ALA C 106 17.01 10.39 -9.28
C ALA C 106 17.57 11.22 -10.44
N GLU C 107 18.12 12.40 -10.13
CA GLU C 107 18.57 13.31 -11.20
C GLU C 107 19.95 12.96 -11.74
N HIS C 108 20.72 12.19 -10.98
CA HIS C 108 22.10 11.92 -11.36
C HIS C 108 22.19 10.83 -12.43
N PRO C 109 22.81 11.17 -13.58
CA PRO C 109 23.03 10.13 -14.60
C PRO C 109 24.21 9.26 -14.23
N PHE C 110 24.07 7.94 -14.36
CA PHE C 110 25.07 6.97 -13.89
C PHE C 110 25.76 6.24 -15.05
N PHE C 111 27.07 6.01 -14.90
CA PHE C 111 27.85 5.14 -15.79
C PHE C 111 28.05 5.71 -17.20
N GLU C 112 28.01 7.03 -17.28
CA GLU C 112 28.23 7.78 -18.53
C GLU C 112 27.09 7.59 -19.55
N GLN C 113 26.40 6.45 -19.50
CA GLN C 113 25.34 6.16 -20.46
C GLN C 113 24.00 6.69 -19.98
N ASN C 114 24.06 7.67 -19.08
CA ASN C 114 22.88 8.35 -18.57
C ASN C 114 21.88 7.38 -17.96
N GLU C 115 22.37 6.44 -17.15
CA GLU C 115 21.48 5.56 -16.43
C GLU C 115 20.87 6.28 -15.25
N HIS C 116 19.56 6.21 -15.12
CA HIS C 116 18.94 6.78 -13.94
C HIS C 116 18.43 5.70 -12.97
N ILE C 117 18.79 5.90 -11.71
CA ILE C 117 18.47 4.97 -10.64
C ILE C 117 17.65 5.73 -9.63
N TYR C 118 16.75 5.05 -8.93
CA TYR C 118 15.84 5.70 -7.99
C TYR C 118 15.85 5.05 -6.63
N LEU C 119 15.31 5.75 -5.65
CA LEU C 119 15.20 5.16 -4.31
C LEU C 119 13.90 5.54 -3.68
N CYS C 120 13.57 4.82 -2.61
CA CYS C 120 12.46 5.12 -1.72
C CYS C 120 12.99 5.38 -0.35
N ALA C 121 12.20 6.06 0.46
CA ALA C 121 12.61 6.33 1.83
C ALA C 121 11.38 6.30 2.72
N GLY C 122 11.55 5.78 3.94
CA GLY C 122 10.48 5.81 4.92
C GLY C 122 10.94 6.65 6.08
N VAL C 123 10.04 7.37 6.72
CA VAL C 123 10.47 8.33 7.73
C VAL C 123 9.60 8.22 8.96
N SER C 124 10.22 8.21 10.13
CA SER C 124 9.50 8.38 11.37
C SER C 124 10.35 9.14 12.38
N SER C 125 9.85 9.25 13.61
CA SER C 125 10.55 10.02 14.63
C SER C 125 10.18 9.53 16.02
N LEU C 126 10.91 9.98 17.03
CA LEU C 126 10.61 9.57 18.40
C LEU C 126 9.19 9.99 18.82
N HIS C 127 8.42 9.02 19.32
CA HIS C 127 7.07 9.21 19.88
C HIS C 127 7.12 8.99 21.39
N HIS C 128 6.15 9.53 22.14
CA HIS C 128 6.16 9.40 23.60
C HIS C 128 6.13 7.96 24.16
N GLY C 129 5.38 7.07 23.57
CA GLY C 129 5.33 5.73 24.16
C GLY C 129 6.53 4.86 23.83
N ASP C 130 7.46 5.39 23.03
CA ASP C 130 8.64 4.63 22.60
C ASP C 130 9.58 4.30 23.76
N HIS C 131 10.16 3.11 23.73
CA HIS C 131 11.08 2.70 24.78
C HIS C 131 12.36 2.17 24.19
N ASP C 132 12.39 2.02 22.87
CA ASP C 132 13.55 1.45 22.22
C ASP C 132 13.72 2.06 20.85
N ILE C 133 14.98 2.09 20.37
CA ILE C 133 15.21 2.57 19.01
C ILE C 133 14.45 1.69 18.05
N ALA C 134 14.23 0.44 18.44
CA ALA C 134 13.51 -0.45 17.55
C ALA C 134 12.08 0.04 17.28
N ASP C 135 11.49 0.75 18.23
CA ASP C 135 10.14 1.28 18.02
C ASP C 135 10.15 2.27 16.88
N ILE C 136 11.21 3.08 16.84
CA ILE C 136 11.29 4.09 15.78
C ILE C 136 11.68 3.44 14.48
N TYR C 137 12.70 2.58 14.52
CA TYR C 137 13.18 1.91 13.32
C TYR C 137 12.08 1.06 12.67
N ARG C 138 11.26 0.40 13.49
CA ARG C 138 10.11 -0.32 12.95
C ARG C 138 9.20 0.59 12.09
N ARG C 139 8.97 1.82 12.53
CA ARG C 139 8.07 2.70 11.79
C ARG C 139 8.71 3.24 10.50
N SER C 140 9.98 3.65 10.53
CA SER C 140 10.55 4.13 9.27
C SER C 140 10.72 2.97 8.28
N ASP C 141 11.11 1.78 8.74
CA ASP C 141 11.17 0.68 7.77
C ASP C 141 9.79 0.33 7.19
N GLN C 142 8.74 0.33 8.01
CA GLN C 142 7.41 -0.03 7.50
C GLN C 142 6.88 1.11 6.60
N ALA C 143 7.31 2.33 6.88
CA ALA C 143 7.00 3.45 5.96
C ALA C 143 7.75 3.24 4.64
N LEU C 144 8.98 2.76 4.73
CA LEU C 144 9.73 2.43 3.51
C LEU C 144 9.03 1.34 2.69
N TYR C 145 8.50 0.33 3.37
CA TYR C 145 7.84 -0.74 2.67
C TYR C 145 6.59 -0.19 1.96
N LYS C 146 5.93 0.76 2.60
CA LYS C 146 4.75 1.37 1.99
C LYS C 146 5.11 2.13 0.72
N ALA C 147 6.20 2.89 0.79
CA ALA C 147 6.72 3.59 -0.37
C ALA C 147 6.98 2.58 -1.47
N LYS C 148 7.67 1.48 -1.14
CA LYS C 148 8.01 0.46 -2.14
C LYS C 148 6.79 -0.19 -2.74
N ARG C 149 5.72 -0.33 -1.97
CA ARG C 149 4.46 -0.89 -2.52
C ARG C 149 3.83 0.04 -3.54
N ASN C 150 4.12 1.32 -3.40
CA ASN C 150 3.48 2.30 -4.28
C ASN C 150 4.27 2.60 -5.49
N GLY C 151 5.31 1.80 -5.72
CA GLY C 151 6.16 2.00 -6.88
C GLY C 151 7.57 2.38 -6.48
N ARG C 152 8.23 3.11 -7.35
CA ARG C 152 9.59 3.59 -7.07
C ARG C 152 9.65 5.09 -6.77
N ASN C 153 10.82 5.60 -6.38
CA ASN C 153 11.01 7.06 -6.32
C ASN C 153 10.02 7.78 -5.43
N ARG C 154 9.89 7.36 -4.18
CA ARG C 154 8.86 7.90 -3.27
C ARG C 154 9.31 7.96 -1.80
N CYS C 155 8.85 8.95 -1.04
CA CYS C 155 9.11 8.98 0.40
C CYS C 155 7.79 8.94 1.14
N CYS C 156 7.76 8.25 2.29
CA CYS C 156 6.57 8.14 3.13
C CYS C 156 6.93 8.43 4.58
N ILE C 157 6.04 9.12 5.28
CA ILE C 157 6.11 9.27 6.74
C ILE C 157 5.22 8.20 7.30
N TYR C 158 5.66 7.53 8.37
CA TYR C 158 4.83 6.52 8.99
C TYR C 158 3.65 7.19 9.65
N ARG C 159 2.47 6.62 9.41
CA ARG C 159 1.24 7.08 10.04
CA ARG C 159 1.24 7.08 10.02
C ARG C 159 0.51 5.89 10.66
N GLN C 160 0.05 6.07 11.88
CA GLN C 160 -0.68 5.02 12.57
C GLN C 160 -2.15 5.16 12.28
N SER C 161 -2.65 4.31 11.40
CA SER C 161 -4.08 4.24 11.12
C SER C 161 -4.81 3.77 12.38
N GLN D 6 -22.09 -17.09 -20.73
CA GLN D 6 -21.02 -16.29 -20.14
C GLN D 6 -21.58 -15.29 -19.11
N LEU D 7 -22.67 -14.61 -19.47
CA LEU D 7 -23.40 -13.69 -18.57
C LEU D 7 -22.64 -12.45 -18.13
N CYS D 8 -21.46 -12.22 -18.70
CA CYS D 8 -20.63 -11.12 -18.21
C CYS D 8 -20.55 -9.94 -19.18
N ASN D 9 -21.65 -9.74 -19.90
CA ASN D 9 -21.75 -8.64 -20.85
C ASN D 9 -21.66 -7.27 -20.17
N ARG D 10 -20.73 -6.45 -20.64
CA ARG D 10 -20.45 -5.16 -19.96
C ARG D 10 -21.60 -4.16 -20.05
N ARG D 11 -22.20 -3.99 -21.21
CA ARG D 11 -23.32 -3.07 -21.28
C ARG D 11 -24.41 -3.39 -20.26
N LYS D 12 -24.80 -4.66 -20.21
CA LYS D 12 -25.86 -5.06 -19.32
C LYS D 12 -25.46 -4.87 -17.88
N LEU D 13 -24.19 -5.12 -17.59
CA LEU D 13 -23.73 -4.96 -16.22
C LEU D 13 -24.01 -3.51 -15.80
N TRP D 14 -23.53 -2.54 -16.59
CA TRP D 14 -23.70 -1.15 -16.14
C TRP D 14 -25.17 -0.82 -15.99
N ALA D 15 -26.00 -1.24 -16.95
CA ALA D 15 -27.44 -0.94 -16.85
C ALA D 15 -28.07 -1.58 -15.61
N ASP D 16 -27.70 -2.84 -15.36
CA ASP D 16 -28.18 -3.52 -14.19
C ASP D 16 -27.69 -2.84 -12.92
N PHE D 17 -26.43 -2.40 -12.92
CA PHE D 17 -25.85 -1.74 -11.75
C PHE D 17 -26.62 -0.44 -11.52
N ARG D 18 -26.87 0.31 -12.59
CA ARG D 18 -27.57 1.56 -12.46
C ARG D 18 -28.95 1.39 -11.85
N ALA D 19 -29.72 0.39 -12.30
CA ALA D 19 -31.03 0.20 -11.73
C ALA D 19 -30.92 -0.35 -10.31
N ALA D 20 -29.95 -1.22 -10.09
CA ALA D 20 -29.75 -1.81 -8.76
C ALA D 20 -29.48 -0.74 -7.69
N PHE D 21 -28.74 0.30 -8.10
CA PHE D 21 -28.43 1.42 -7.23
C PHE D 21 -29.68 2.16 -6.79
N ALA D 22 -30.54 2.53 -7.75
CA ALA D 22 -31.77 3.26 -7.42
C ALA D 22 -32.68 2.38 -6.56
N ARG D 23 -32.74 1.10 -6.93
CA ARG D 23 -33.53 0.12 -6.19
C ARG D 23 -33.04 0.00 -4.75
N ALA D 24 -31.71 -0.08 -4.55
CA ALA D 24 -31.15 -0.19 -3.20
C ALA D 24 -31.48 1.02 -2.33
N LYS D 25 -31.38 2.20 -2.95
CA LYS D 25 -31.68 3.44 -2.25
C LYS D 25 -33.14 3.49 -1.87
N ARG D 26 -33.98 3.03 -2.78
CA ARG D 26 -35.42 3.01 -2.59
C ARG D 26 -35.88 2.00 -1.54
N LEU D 27 -35.36 0.79 -1.65
CA LEU D 27 -35.74 -0.24 -0.69
C LEU D 27 -34.90 -0.18 0.57
N ARG D 28 -33.95 0.76 0.60
CA ARG D 28 -33.02 0.93 1.72
CA ARG D 28 -33.02 0.93 1.72
C ARG D 28 -32.35 -0.39 2.05
N GLN D 29 -31.74 -0.98 1.01
CA GLN D 29 -30.97 -2.21 1.10
C GLN D 29 -29.50 -1.95 0.82
N PRO D 30 -28.64 -2.83 1.34
CA PRO D 30 -27.21 -2.76 1.00
C PRO D 30 -27.00 -3.24 -0.44
N LEU D 31 -25.92 -2.79 -1.05
CA LEU D 31 -25.57 -3.13 -2.41
C LEU D 31 -24.06 -3.23 -2.47
N SER D 32 -23.53 -4.37 -2.86
CA SER D 32 -22.09 -4.57 -2.86
C SER D 32 -21.51 -4.70 -4.26
N CYS D 33 -20.23 -4.36 -4.39
CA CYS D 33 -19.55 -4.37 -5.68
C CYS D 33 -18.17 -4.99 -5.47
N ILE D 34 -17.82 -5.97 -6.30
CA ILE D 34 -16.49 -6.60 -6.25
C ILE D 34 -15.72 -6.40 -7.55
N SER D 35 -14.51 -5.88 -7.48
CA SER D 35 -13.68 -5.74 -8.66
C SER D 35 -12.62 -6.81 -8.59
N ILE D 36 -12.52 -7.61 -9.65
CA ILE D 36 -11.64 -8.76 -9.66
C ILE D 36 -10.64 -8.70 -10.82
N ASP D 37 -9.37 -8.93 -10.50
CA ASP D 37 -8.31 -8.95 -11.49
C ASP D 37 -7.39 -10.14 -11.29
N ILE D 38 -7.15 -10.89 -12.36
CA ILE D 38 -6.23 -12.03 -12.33
C ILE D 38 -4.78 -11.56 -12.27
N ASP D 39 -3.97 -12.16 -11.39
CA ASP D 39 -2.58 -11.73 -11.25
C ASP D 39 -1.69 -12.27 -12.38
N ASN D 40 -0.81 -11.41 -12.89
CA ASN D 40 0.17 -11.80 -13.91
C ASN D 40 -0.47 -12.49 -15.10
N PHE D 41 -1.59 -11.96 -15.58
CA PHE D 41 -2.32 -12.57 -16.69
C PHE D 41 -1.53 -12.45 -18.00
N LYS D 42 -0.81 -11.34 -18.14
CA LYS D 42 0.05 -11.12 -19.30
C LYS D 42 1.12 -12.21 -19.33
N LEU D 43 1.70 -12.51 -18.17
CA LEU D 43 2.69 -13.58 -18.07
C LEU D 43 2.13 -14.95 -18.44
N ILE D 44 0.88 -15.21 -18.09
CA ILE D 44 0.25 -16.49 -18.42
C ILE D 44 0.16 -16.71 -19.92
N ASN D 45 -0.27 -15.67 -20.62
CA ASN D 45 -0.48 -15.77 -22.07
C ASN D 45 0.82 -15.95 -22.87
N ASP D 46 1.88 -15.24 -22.49
CA ASP D 46 3.17 -15.40 -23.15
C ASP D 46 3.77 -16.81 -22.97
N GLN D 47 3.55 -17.45 -21.82
CA GLN D 47 4.17 -18.76 -21.58
C GLN D 47 3.28 -19.95 -21.96
N PHE D 48 1.96 -19.78 -21.99
CA PHE D 48 1.09 -20.91 -22.27
C PHE D 48 0.16 -20.73 -23.48
N GLY D 49 0.14 -19.51 -24.02
CA GLY D 49 -0.67 -19.18 -25.19
C GLY D 49 -2.02 -18.55 -24.89
N HIS D 50 -2.53 -17.79 -25.86
CA HIS D 50 -3.76 -17.01 -25.71
C HIS D 50 -5.03 -17.83 -25.52
N ASP D 51 -5.09 -18.98 -26.19
CA ASP D 51 -6.28 -19.81 -26.08
C ASP D 51 -6.38 -20.46 -24.70
N LYS D 52 -5.23 -20.75 -24.10
CA LYS D 52 -5.22 -21.32 -22.75
C LYS D 52 -5.56 -20.24 -21.71
N GLY D 53 -5.04 -19.03 -21.92
CA GLY D 53 -5.40 -17.88 -21.12
C GLY D 53 -6.88 -17.58 -21.10
N ASP D 54 -7.50 -17.69 -22.28
CA ASP D 54 -8.94 -17.45 -22.41
C ASP D 54 -9.73 -18.43 -21.56
N GLU D 55 -9.22 -19.65 -21.46
CA GLU D 55 -9.81 -20.69 -20.61
C GLU D 55 -9.73 -20.31 -19.12
N VAL D 56 -8.62 -19.68 -18.74
CA VAL D 56 -8.48 -19.21 -17.36
C VAL D 56 -9.63 -18.26 -17.08
N LEU D 57 -9.88 -17.34 -18.02
CA LEU D 57 -10.99 -16.40 -17.92
C LEU D 57 -12.33 -17.13 -17.86
N CYS D 58 -12.47 -18.13 -18.72
CA CYS D 58 -13.70 -18.91 -18.75
C CYS D 58 -13.87 -19.72 -17.47
N PHE D 59 -12.80 -20.36 -16.99
CA PHE D 59 -12.85 -21.07 -15.70
C PHE D 59 -13.27 -20.11 -14.61
N LEU D 60 -12.73 -18.89 -14.67
CA LEU D 60 -13.00 -17.89 -13.65
C LEU D 60 -14.47 -17.47 -13.64
N ALA D 61 -15.04 -17.26 -14.82
CA ALA D 61 -16.45 -16.91 -14.91
C ALA D 61 -17.35 -18.02 -14.36
N LYS D 62 -17.07 -19.26 -14.76
CA LYS D 62 -17.80 -20.42 -14.28
C LYS D 62 -17.76 -20.46 -12.76
N LEU D 63 -16.63 -20.04 -12.20
CA LEU D 63 -16.45 -19.99 -10.76
C LEU D 63 -17.41 -19.02 -10.03
N PHE D 64 -17.77 -17.90 -10.67
CA PHE D 64 -18.73 -16.93 -10.08
C PHE D 64 -20.07 -17.56 -9.77
N GLN D 65 -20.58 -18.27 -10.77
CA GLN D 65 -21.86 -18.96 -10.75
C GLN D 65 -21.96 -19.91 -9.56
N SER D 66 -20.95 -20.76 -9.44
CA SER D 66 -20.89 -21.80 -8.40
C SER D 66 -20.80 -21.28 -6.98
N VAL D 67 -19.91 -20.32 -6.77
CA VAL D 67 -19.64 -19.79 -5.45
C VAL D 67 -20.80 -18.88 -5.00
N ILE D 68 -21.31 -18.07 -5.93
CA ILE D 68 -22.44 -17.18 -5.67
C ILE D 68 -23.76 -17.74 -6.23
N SER D 69 -24.56 -18.40 -5.41
CA SER D 69 -25.81 -18.97 -5.90
C SER D 69 -26.87 -17.90 -6.14
N ASP D 70 -26.96 -16.94 -5.23
CA ASP D 70 -28.00 -15.90 -5.29
C ASP D 70 -27.84 -14.99 -6.50
N HIS D 71 -28.97 -14.42 -6.95
CA HIS D 71 -29.00 -13.47 -8.07
C HIS D 71 -27.88 -12.44 -7.87
N HIS D 72 -27.24 -12.08 -8.97
CA HIS D 72 -26.05 -11.24 -8.97
C HIS D 72 -25.71 -10.82 -10.39
N PHE D 73 -25.00 -9.72 -10.57
CA PHE D 73 -24.65 -9.35 -11.92
C PHE D 73 -23.16 -9.44 -12.16
N CYS D 74 -22.78 -9.82 -13.37
CA CYS D 74 -21.38 -9.93 -13.72
C CYS D 74 -21.09 -9.10 -14.96
N GLY D 75 -19.90 -8.51 -15.01
CA GLY D 75 -19.46 -7.85 -16.21
C GLY D 75 -17.97 -7.88 -16.35
N ARG D 76 -17.52 -8.18 -17.57
CA ARG D 76 -16.11 -8.09 -17.94
CA ARG D 76 -16.11 -8.07 -17.88
C ARG D 76 -15.76 -6.65 -18.31
N VAL D 77 -14.96 -5.97 -17.51
CA VAL D 77 -14.62 -4.58 -17.88
C VAL D 77 -13.25 -4.32 -18.49
N GLY D 78 -12.40 -5.34 -18.55
CA GLY D 78 -11.08 -5.19 -19.13
C GLY D 78 -10.54 -6.49 -19.71
N GLY D 79 -9.28 -6.47 -20.14
CA GLY D 79 -8.63 -7.65 -20.64
C GLY D 79 -8.78 -8.77 -19.63
N GLU D 80 -8.48 -8.48 -18.37
CA GLU D 80 -8.57 -9.53 -17.37
C GLU D 80 -9.31 -9.12 -16.08
N GLU D 81 -10.22 -8.13 -16.18
CA GLU D 81 -10.93 -7.63 -14.99
C GLU D 81 -12.45 -7.90 -15.01
N PHE D 82 -12.97 -8.29 -13.85
CA PHE D 82 -14.41 -8.49 -13.71
C PHE D 82 -15.01 -7.63 -12.60
N ILE D 83 -16.30 -7.35 -12.76
CA ILE D 83 -17.07 -6.69 -11.72
C ILE D 83 -18.24 -7.59 -11.37
N ILE D 84 -18.51 -7.72 -10.07
CA ILE D 84 -19.69 -8.43 -9.62
C ILE D 84 -20.51 -7.49 -8.76
N VAL D 85 -21.80 -7.35 -9.08
CA VAL D 85 -22.69 -6.52 -8.28
C VAL D 85 -23.65 -7.42 -7.55
N LEU D 86 -23.74 -7.25 -6.23
CA LEU D 86 -24.56 -8.14 -5.39
C LEU D 86 -25.66 -7.32 -4.72
N GLU D 87 -26.89 -7.47 -5.20
CA GLU D 87 -28.03 -6.77 -4.61
C GLU D 87 -28.30 -7.31 -3.19
N ASN D 88 -28.85 -6.47 -2.31
CA ASN D 88 -29.22 -6.87 -0.96
C ASN D 88 -28.13 -7.63 -0.21
N THR D 89 -26.91 -7.15 -0.36
CA THR D 89 -25.73 -7.82 0.20
C THR D 89 -24.87 -6.79 0.90
N HIS D 90 -24.52 -7.06 2.15
CA HIS D 90 -23.62 -6.20 2.91
C HIS D 90 -22.18 -6.48 2.51
N VAL D 91 -21.30 -5.49 2.71
CA VAL D 91 -19.95 -5.58 2.21
C VAL D 91 -19.22 -6.76 2.87
N GLU D 92 -19.50 -7.05 4.14
CA GLU D 92 -18.81 -8.16 4.81
C GLU D 92 -19.14 -9.48 4.11
N THR D 93 -20.39 -9.63 3.69
CA THR D 93 -20.80 -10.82 2.95
C THR D 93 -20.08 -10.88 1.60
N ALA D 94 -20.04 -9.74 0.91
CA ALA D 94 -19.35 -9.68 -0.38
C ALA D 94 -17.87 -10.00 -0.22
N PHE D 95 -17.24 -9.51 0.84
CA PHE D 95 -15.83 -9.81 1.06
C PHE D 95 -15.63 -11.32 1.24
N HIS D 96 -16.46 -11.94 2.07
CA HIS D 96 -16.31 -13.38 2.28
C HIS D 96 -16.48 -14.14 0.99
N LEU D 97 -17.44 -13.71 0.16
CA LEU D 97 -17.63 -14.28 -1.15
C LEU D 97 -16.40 -14.10 -2.06
N ALA D 98 -15.82 -12.89 -2.07
CA ALA D 98 -14.61 -12.64 -2.85
C ALA D 98 -13.47 -13.56 -2.38
N GLU D 99 -13.37 -13.73 -1.07
CA GLU D 99 -12.32 -14.60 -0.53
C GLU D 99 -12.49 -16.04 -1.01
N GLN D 100 -13.76 -16.50 -1.07
CA GLN D 100 -14.04 -17.84 -1.53
C GLN D 100 -13.65 -18.03 -2.99
N ILE D 101 -14.01 -17.06 -3.83
CA ILE D 101 -13.66 -17.09 -5.23
C ILE D 101 -12.14 -17.08 -5.40
N ARG D 102 -11.45 -16.20 -4.65
CA ARG D 102 -9.99 -16.14 -4.66
C ARG D 102 -9.39 -17.48 -4.30
N GLN D 103 -9.88 -18.05 -3.21
CA GLN D 103 -9.35 -19.32 -2.69
C GLN D 103 -9.56 -20.46 -3.66
N ARG D 104 -10.77 -20.57 -4.20
CA ARG D 104 -11.04 -21.67 -5.11
C ARG D 104 -10.29 -21.48 -6.43
N PHE D 105 -10.06 -20.24 -6.83
CA PHE D 105 -9.26 -19.98 -8.01
C PHE D 105 -7.80 -20.38 -7.77
N ALA D 106 -7.26 -20.00 -6.62
CA ALA D 106 -5.87 -20.28 -6.27
C ALA D 106 -5.63 -21.79 -6.12
N GLU D 107 -6.68 -22.52 -5.75
CA GLU D 107 -6.57 -23.97 -5.54
C GLU D 107 -6.64 -24.76 -6.82
N HIS D 108 -7.14 -24.16 -7.89
CA HIS D 108 -7.33 -24.91 -9.14
C HIS D 108 -6.05 -25.05 -9.93
N PRO D 109 -5.68 -26.31 -10.22
CA PRO D 109 -4.50 -26.62 -11.04
C PRO D 109 -4.78 -26.42 -12.54
N PHE D 110 -3.85 -25.80 -13.26
CA PHE D 110 -4.09 -25.42 -14.64
C PHE D 110 -3.22 -26.17 -15.62
N PHE D 111 -3.82 -26.52 -16.76
CA PHE D 111 -3.13 -27.14 -17.88
C PHE D 111 -2.70 -28.50 -17.39
N GLU D 112 -1.58 -28.99 -17.88
CA GLU D 112 -1.13 -30.29 -17.45
C GLU D 112 -0.06 -30.14 -16.37
N GLN D 113 0.66 -29.01 -16.37
CA GLN D 113 1.78 -28.88 -15.43
C GLN D 113 1.38 -28.35 -14.08
N ASN D 114 0.10 -28.47 -13.76
CA ASN D 114 -0.39 -28.08 -12.44
C ASN D 114 -0.01 -26.63 -12.16
N GLU D 115 -0.25 -25.75 -13.12
CA GLU D 115 0.02 -24.34 -12.90
C GLU D 115 -1.05 -23.78 -11.97
N HIS D 116 -0.60 -23.05 -10.95
CA HIS D 116 -1.52 -22.33 -10.10
C HIS D 116 -1.45 -20.85 -10.39
N ILE D 117 -2.63 -20.26 -10.56
CA ILE D 117 -2.77 -18.87 -10.92
C ILE D 117 -3.62 -18.19 -9.83
N TYR D 118 -3.40 -16.89 -9.61
CA TYR D 118 -4.04 -16.19 -8.49
C TYR D 118 -4.76 -14.95 -8.97
N LEU D 119 -5.60 -14.39 -8.11
CA LEU D 119 -6.27 -13.14 -8.44
C LEU D 119 -6.31 -12.25 -7.20
N CYS D 120 -6.60 -10.98 -7.42
CA CYS D 120 -6.88 -10.04 -6.35
C CYS D 120 -8.29 -9.53 -6.50
N ALA D 121 -8.84 -9.00 -5.41
CA ALA D 121 -10.18 -8.46 -5.51
C ALA D 121 -10.31 -7.28 -4.59
N GLY D 122 -11.11 -6.30 -5.01
CA GLY D 122 -11.40 -5.16 -4.16
C GLY D 122 -12.88 -5.10 -3.94
N VAL D 123 -13.29 -4.67 -2.75
CA VAL D 123 -14.69 -4.73 -2.38
C VAL D 123 -15.18 -3.45 -1.75
N SER D 124 -16.36 -3.01 -2.17
CA SER D 124 -17.00 -1.93 -1.45
C SER D 124 -18.50 -2.10 -1.55
N SER D 125 -19.24 -1.13 -1.02
CA SER D 125 -20.70 -1.20 -1.00
C SER D 125 -21.34 0.19 -0.92
N LEU D 126 -22.65 0.24 -1.12
CA LEU D 126 -23.39 1.51 -1.04
C LEU D 126 -23.23 2.13 0.35
N HIS D 127 -22.84 3.40 0.36
CA HIS D 127 -22.70 4.23 1.55
C HIS D 127 -23.73 5.35 1.56
N HIS D 128 -23.95 5.93 2.73
CA HIS D 128 -24.90 7.01 2.93
C HIS D 128 -24.72 8.23 1.97
N GLY D 129 -23.49 8.66 1.71
CA GLY D 129 -23.36 9.83 0.85
C GLY D 129 -23.34 9.59 -0.65
N ASP D 130 -23.43 8.34 -1.08
CA ASP D 130 -23.32 7.99 -2.50
C ASP D 130 -24.49 8.53 -3.33
N HIS D 131 -24.19 8.98 -4.53
CA HIS D 131 -25.23 9.50 -5.42
C HIS D 131 -25.18 8.81 -6.77
N ASP D 132 -24.14 8.02 -7.00
CA ASP D 132 -23.93 7.37 -8.28
C ASP D 132 -23.24 6.04 -8.11
N ILE D 133 -23.47 5.13 -9.06
CA ILE D 133 -22.76 3.86 -9.01
C ILE D 133 -21.25 4.12 -9.05
N ALA D 134 -20.84 5.27 -9.63
CA ALA D 134 -19.44 5.59 -9.72
C ALA D 134 -18.81 5.75 -8.33
N ASP D 135 -19.57 6.22 -7.34
CA ASP D 135 -19.09 6.34 -5.97
C ASP D 135 -18.69 5.00 -5.39
N ILE D 136 -19.49 3.98 -5.73
CA ILE D 136 -19.20 2.62 -5.23
C ILE D 136 -18.06 1.98 -6.03
N TYR D 137 -18.19 2.04 -7.35
CA TYR D 137 -17.19 1.45 -8.23
C TYR D 137 -15.80 2.04 -8.00
N ARG D 138 -15.74 3.35 -7.78
CA ARG D 138 -14.45 3.96 -7.47
C ARG D 138 -13.77 3.25 -6.30
N ARG D 139 -14.54 2.92 -5.27
CA ARG D 139 -13.95 2.31 -4.08
C ARG D 139 -13.55 0.85 -4.30
N SER D 140 -14.36 0.07 -5.01
CA SER D 140 -13.93 -1.32 -5.20
C SER D 140 -12.74 -1.40 -6.14
N ASP D 141 -12.68 -0.53 -7.15
CA ASP D 141 -11.48 -0.52 -7.98
C ASP D 141 -10.24 -0.03 -7.21
N GLN D 142 -10.42 1.00 -6.39
CA GLN D 142 -9.27 1.47 -5.62
C GLN D 142 -8.88 0.47 -4.50
N ALA D 143 -9.85 -0.27 -3.99
CA ALA D 143 -9.51 -1.36 -3.06
C ALA D 143 -8.72 -2.43 -3.80
N LEU D 144 -9.09 -2.68 -5.04
CA LEU D 144 -8.36 -3.65 -5.89
C LEU D 144 -6.92 -3.23 -6.17
N TYR D 145 -6.68 -1.93 -6.42
CA TYR D 145 -5.34 -1.46 -6.70
C TYR D 145 -4.52 -1.67 -5.44
N LYS D 146 -5.17 -1.48 -4.29
CA LYS D 146 -4.51 -1.68 -3.01
C LYS D 146 -4.07 -3.12 -2.77
N ALA D 147 -4.97 -4.04 -3.08
CA ALA D 147 -4.67 -5.45 -3.02
C ALA D 147 -3.47 -5.74 -3.91
N LYS D 148 -3.53 -5.24 -5.14
CA LYS D 148 -2.43 -5.49 -6.10
C LYS D 148 -1.11 -4.90 -5.66
N ARG D 149 -1.14 -3.75 -4.97
CA ARG D 149 0.10 -3.14 -4.42
C ARG D 149 0.72 -4.02 -3.38
N ASN D 150 -0.12 -4.85 -2.75
CA ASN D 150 0.36 -5.71 -1.67
C ASN D 150 0.77 -7.08 -2.14
N GLY D 151 0.82 -7.27 -3.46
CA GLY D 151 1.22 -8.56 -3.99
C GLY D 151 0.12 -9.22 -4.80
N ARG D 152 0.12 -10.55 -4.80
CA ARG D 152 -0.94 -11.36 -5.44
C ARG D 152 -1.90 -11.99 -4.44
N ASN D 153 -2.95 -12.64 -4.95
CA ASN D 153 -3.78 -13.52 -4.13
C ASN D 153 -4.35 -12.84 -2.92
N ARG D 154 -4.98 -11.68 -3.12
CA ARG D 154 -5.44 -10.91 -1.97
C ARG D 154 -6.77 -10.19 -2.20
N CYS D 155 -7.58 -10.09 -1.15
CA CYS D 155 -8.83 -9.29 -1.23
C CYS D 155 -8.76 -8.13 -0.26
N CYS D 156 -9.32 -6.99 -0.65
CA CYS D 156 -9.36 -5.79 0.19
C CYS D 156 -10.72 -5.15 0.22
N ILE D 157 -11.14 -4.65 1.39
CA ILE D 157 -12.34 -3.81 1.48
C ILE D 157 -11.86 -2.38 1.44
N TYR D 158 -12.52 -1.50 0.70
CA TYR D 158 -12.10 -0.10 0.68
C TYR D 158 -12.37 0.45 2.04
N ARG D 159 -11.39 1.13 2.61
CA ARG D 159 -11.60 1.86 3.85
C ARG D 159 -10.98 3.24 3.68
N GLN D 160 -11.63 4.25 4.24
CA GLN D 160 -11.08 5.60 4.21
C GLN D 160 -10.34 5.86 5.51
N SER D 161 -9.04 6.16 5.44
CA SER D 161 -8.33 6.60 6.63
C SER D 161 -8.81 8.00 7.00
#